data_5JFV
#
_entry.id   5JFV
#
_cell.length_a   124.540
_cell.length_b   124.540
_cell.length_c   46.420
_cell.angle_alpha   90.00
_cell.angle_beta   90.00
_cell.angle_gamma   120.00
#
_symmetry.space_group_name_H-M   'P 64'
#
loop_
_entity.id
_entity.type
_entity.pdbx_description
1 polymer 'High affinity nerve growth factor receptor'
2 non-polymer N-{5-[4-amino-7-(propan-2-yl)-7H-pyrrolo[2,3-d]pyrimidine-5-carbonyl]pyridin-3-yl}-2-(4-chlorophenyl)acetamide
3 water water
#
_entity_poly.entity_id   1
_entity_poly.type   'polypeptide(L)'
_entity_poly.pdbx_seq_one_letter_code
;MHHHHHHLVPRGSVHHIKRRDIVLKWELGEGAFGKVFLAECHNLLPEQDKMLVAVKALKEASESARQDFQREAELLTMLQ
HQHIVRFFGVCTEGRPLLMVFEYMRHGDLNRFLRSHGPDAKLLAGGEDVAPGPLGLGQLLAVASQVAAGMVYLAGLHFVH
RDLATRNCLVGQGLVVKIGDFGMSRDIYSTDYYRVGGRTMLPIRWMPPESILYRKFTTESDVWSFGVVLWEIFTYGKQPW
YQLSNTEAIDCITQGRELERPRACPPEVYAIMRGCWQREPQQRHSIKDVHARLQALAQAPPVYLDVLG
;
_entity_poly.pdbx_strand_id   A
#
loop_
_chem_comp.id
_chem_comp.type
_chem_comp.name
_chem_comp.formula
6K1 non-polymer N-{5-[4-amino-7-(propan-2-yl)-7H-pyrrolo[2,3-d]pyrimidine-5-carbonyl]pyridin-3-yl}-2-(4-chlorophenyl)acetamide 'C23 H21 Cl N6 O2'
#
# COMPACT_ATOMS: atom_id res chain seq x y z
N MET A 1 -17.67 -2.04 -7.22
CA MET A 1 -16.40 -1.39 -6.92
C MET A 1 -16.01 -1.57 -5.44
N HIS A 2 -16.93 -1.22 -4.51
CA HIS A 2 -16.71 -1.34 -3.06
C HIS A 2 -17.65 -2.39 -2.47
N HIS A 3 -18.21 -3.26 -3.33
CA HIS A 3 -19.15 -4.34 -2.96
C HIS A 3 -18.50 -5.34 -1.99
N HIS A 4 -17.21 -5.66 -2.22
CA HIS A 4 -16.45 -6.56 -1.37
C HIS A 4 -16.23 -6.02 0.04
N HIS A 5 -16.43 -4.68 0.25
CA HIS A 5 -16.35 -4.06 1.57
C HIS A 5 -17.75 -3.84 2.19
N HIS A 6 -18.83 -4.47 1.66
CA HIS A 6 -20.21 -4.25 2.20
C HIS A 6 -20.39 -4.53 3.69
N HIS A 7 -19.67 -5.53 4.23
CA HIS A 7 -19.71 -5.89 5.65
C HIS A 7 -19.18 -4.75 6.51
N LEU A 8 -18.40 -3.82 5.88
CA LEU A 8 -17.90 -2.64 6.57
C LEU A 8 -18.99 -1.59 6.40
N VAL A 9 -19.57 -1.19 7.52
CA VAL A 9 -20.64 -0.22 7.58
C VAL A 9 -20.07 0.99 8.36
N PRO A 10 -19.90 2.17 7.70
CA PRO A 10 -19.33 3.34 8.40
C PRO A 10 -20.12 3.83 9.61
N ARG A 11 -19.40 4.27 10.68
CA ARG A 11 -19.99 4.80 11.92
C ARG A 11 -20.43 6.24 11.69
N GLY A 12 -19.50 7.04 11.17
CA GLY A 12 -19.73 8.47 11.03
C GLY A 12 -19.58 9.05 9.66
N SER A 13 -19.96 10.31 9.60
CA SER A 13 -19.88 11.09 8.39
C SER A 13 -18.41 11.51 8.08
N VAL A 14 -18.19 11.72 6.83
CA VAL A 14 -16.88 12.12 6.30
C VAL A 14 -16.63 13.58 6.69
N HIS A 15 -15.34 13.93 6.89
CA HIS A 15 -14.96 15.30 7.18
C HIS A 15 -15.07 16.12 5.89
N HIS A 16 -15.67 17.32 5.96
CA HIS A 16 -15.81 18.19 4.78
C HIS A 16 -14.88 19.38 4.91
N ILE A 17 -14.17 19.68 3.82
CA ILE A 17 -13.20 20.77 3.76
C ILE A 17 -13.71 21.77 2.74
N LYS A 18 -13.66 23.04 3.10
CA LYS A 18 -14.12 24.11 2.20
C LYS A 18 -13.16 24.21 1.04
N ARG A 19 -13.68 24.42 -0.18
CA ARG A 19 -12.81 24.54 -1.37
C ARG A 19 -11.74 25.59 -1.20
N ARG A 20 -12.12 26.79 -0.67
CA ARG A 20 -11.18 27.91 -0.48
C ARG A 20 -10.11 27.59 0.55
N ASP A 21 -10.25 26.49 1.30
CA ASP A 21 -9.21 26.13 2.25
C ASP A 21 -8.14 25.26 1.61
N ILE A 22 -8.31 24.89 0.33
CA ILE A 22 -7.32 24.07 -0.39
C ILE A 22 -6.67 24.96 -1.43
N VAL A 23 -5.34 24.99 -1.45
CA VAL A 23 -4.59 25.81 -2.41
C VAL A 23 -3.67 24.84 -3.16
N LEU A 24 -3.99 24.55 -4.44
CA LEU A 24 -3.24 23.58 -5.22
C LEU A 24 -1.87 24.10 -5.61
N LYS A 25 -0.86 23.24 -5.55
CA LYS A 25 0.51 23.63 -5.89
C LYS A 25 0.91 23.04 -7.22
N TRP A 26 1.20 21.75 -7.27
CA TRP A 26 1.59 21.12 -8.54
C TRP A 26 1.18 19.67 -8.51
N GLU A 27 1.11 19.05 -9.67
CA GLU A 27 0.73 17.65 -9.82
C GLU A 27 1.85 16.75 -9.29
N LEU A 28 1.45 15.68 -8.57
CA LEU A 28 2.34 14.64 -8.04
C LEU A 28 2.29 13.38 -8.91
N GLY A 29 1.17 13.17 -9.61
CA GLY A 29 0.95 12.05 -10.51
C GLY A 29 -0.49 12.00 -11.01
N GLU A 30 -0.83 10.95 -11.79
CA GLU A 30 -2.19 10.75 -12.27
C GLU A 30 -2.67 9.30 -12.31
N GLY A 31 -2.99 8.78 -13.49
CA GLY A 31 -3.49 7.43 -13.67
C GLY A 31 -4.96 7.28 -13.36
N ALA A 32 -5.28 6.63 -12.23
CA ALA A 32 -6.65 6.35 -11.81
C ALA A 32 -7.45 7.54 -11.28
N PHE A 33 -8.54 7.88 -12.00
CA PHE A 33 -9.57 8.91 -11.76
C PHE A 33 -9.34 9.92 -10.59
N GLY A 34 -8.41 10.86 -10.72
CA GLY A 34 -7.54 11.07 -11.86
C GLY A 34 -6.18 11.57 -11.43
N LYS A 35 -6.04 12.90 -11.33
CA LYS A 35 -4.79 13.56 -10.95
C LYS A 35 -4.62 13.72 -9.44
N VAL A 36 -3.36 13.69 -8.99
CA VAL A 36 -2.99 13.89 -7.58
C VAL A 36 -2.10 15.12 -7.51
N PHE A 37 -2.46 16.08 -6.65
CA PHE A 37 -1.74 17.34 -6.47
C PHE A 37 -1.22 17.49 -5.08
N LEU A 38 -0.07 18.18 -4.97
CA LEU A 38 0.42 18.66 -3.69
C LEU A 38 -0.39 19.95 -3.49
N ALA A 39 -0.83 20.20 -2.26
CA ALA A 39 -1.59 21.39 -1.95
C ALA A 39 -1.33 21.83 -0.53
N GLU A 40 -1.70 23.07 -0.23
CA GLU A 40 -1.69 23.58 1.13
C GLU A 40 -3.13 23.51 1.60
N CYS A 41 -3.37 23.12 2.85
CA CYS A 41 -4.72 23.06 3.39
C CYS A 41 -4.79 23.90 4.64
N HIS A 42 -5.73 24.84 4.67
CA HIS A 42 -5.95 25.75 5.80
C HIS A 42 -7.08 25.25 6.70
N ASN A 43 -7.02 25.61 7.98
CA ASN A 43 -8.06 25.32 9.00
C ASN A 43 -8.34 23.84 9.23
N LEU A 44 -7.39 22.96 8.87
CA LEU A 44 -7.62 21.54 9.04
C LEU A 44 -7.27 21.07 10.46
N LEU A 45 -6.07 21.44 10.95
CA LEU A 45 -5.59 21.12 12.31
C LEU A 45 -5.52 22.41 13.12
N PRO A 46 -6.04 22.44 14.38
CA PRO A 46 -6.17 23.71 15.12
C PRO A 46 -4.94 24.54 15.48
N GLU A 47 -3.77 23.90 15.57
CA GLU A 47 -2.49 24.49 15.99
C GLU A 47 -1.64 24.98 14.80
N GLN A 48 -1.96 24.52 13.58
CA GLN A 48 -1.23 24.90 12.39
C GLN A 48 -2.10 25.63 11.36
N ASP A 49 -1.67 26.85 10.97
CA ASP A 49 -2.38 27.71 10.01
C ASP A 49 -2.57 26.99 8.69
N LYS A 50 -1.49 26.44 8.14
CA LYS A 50 -1.51 25.69 6.90
C LYS A 50 -0.55 24.53 6.97
N MET A 51 -0.87 23.50 6.20
CA MET A 51 -0.09 22.30 6.10
C MET A 51 -0.15 21.72 4.71
N LEU A 52 0.84 20.91 4.36
CA LEU A 52 0.83 20.26 3.07
C LEU A 52 -0.05 19.03 3.09
N VAL A 53 -0.79 18.79 1.99
CA VAL A 53 -1.66 17.63 1.78
C VAL A 53 -1.55 17.15 0.33
N ALA A 54 -2.01 15.92 0.06
CA ALA A 54 -2.09 15.43 -1.31
C ALA A 54 -3.58 15.41 -1.60
N VAL A 55 -3.95 15.90 -2.78
CA VAL A 55 -5.34 16.02 -3.16
C VAL A 55 -5.59 15.23 -4.43
N LYS A 56 -6.58 14.34 -4.38
CA LYS A 56 -6.99 13.56 -5.53
C LYS A 56 -8.25 14.20 -6.08
N ALA A 57 -8.21 14.56 -7.37
CA ALA A 57 -9.34 15.21 -8.02
C ALA A 57 -10.07 14.17 -8.86
N LEU A 58 -11.36 13.95 -8.58
CA LEU A 58 -12.17 12.98 -9.32
C LEU A 58 -12.51 13.56 -10.71
N LYS A 59 -12.33 12.73 -11.76
CA LYS A 59 -12.58 13.13 -13.15
C LYS A 59 -14.05 13.15 -13.56
N GLU A 60 -14.79 12.05 -13.28
CA GLU A 60 -16.20 11.85 -13.65
C GLU A 60 -17.21 12.81 -12.99
N ALA A 61 -18.46 12.82 -13.53
CA ALA A 61 -19.54 13.69 -13.05
C ALA A 61 -20.54 13.10 -12.02
N SER A 62 -21.25 11.96 -12.25
CA SER A 62 -21.26 11.04 -13.41
C SER A 62 -22.67 10.51 -13.79
N GLU A 63 -23.61 10.19 -12.86
CA GLU A 63 -23.55 10.33 -11.39
C GLU A 63 -23.45 9.00 -10.61
N SER A 64 -22.87 7.97 -11.25
CA SER A 64 -22.63 6.67 -10.63
C SER A 64 -21.34 6.76 -9.80
N ALA A 65 -20.33 7.48 -10.35
CA ALA A 65 -19.02 7.70 -9.72
C ALA A 65 -19.11 8.60 -8.47
N ARG A 66 -20.16 9.45 -8.39
CA ARG A 66 -20.42 10.35 -7.25
C ARG A 66 -20.86 9.49 -6.05
N GLN A 67 -21.63 8.42 -6.30
CA GLN A 67 -22.09 7.48 -5.27
C GLN A 67 -20.89 6.63 -4.81
N ASP A 68 -20.03 6.22 -5.78
CA ASP A 68 -18.82 5.47 -5.50
C ASP A 68 -17.84 6.33 -4.71
N PHE A 69 -17.82 7.66 -4.97
CA PHE A 69 -16.97 8.63 -4.27
C PHE A 69 -17.36 8.73 -2.79
N GLN A 70 -18.68 8.89 -2.50
CA GLN A 70 -19.19 8.99 -1.14
C GLN A 70 -18.91 7.70 -0.37
N ARG A 71 -19.13 6.54 -0.99
CA ARG A 71 -18.90 5.23 -0.37
C ARG A 71 -17.41 5.05 -0.04
N GLU A 72 -16.55 5.39 -1.00
CA GLU A 72 -15.11 5.28 -0.79
C GLU A 72 -14.70 6.22 0.36
N ALA A 73 -15.19 7.47 0.35
CA ALA A 73 -14.82 8.42 1.41
C ALA A 73 -15.27 7.92 2.78
N GLU A 74 -16.47 7.30 2.87
CA GLU A 74 -16.93 6.77 4.16
C GLU A 74 -16.05 5.63 4.65
N LEU A 75 -15.59 4.77 3.72
CA LEU A 75 -14.68 3.67 4.06
C LEU A 75 -13.29 4.19 4.48
N LEU A 76 -12.73 5.16 3.74
CA LEU A 76 -11.41 5.71 4.08
C LEU A 76 -11.40 6.40 5.44
N THR A 77 -12.54 7.04 5.80
CA THR A 77 -12.66 7.73 7.09
C THR A 77 -12.47 6.73 8.26
N MET A 78 -12.88 5.45 8.02
CA MET A 78 -12.79 4.36 9.03
C MET A 78 -11.34 3.90 9.26
N LEU A 79 -10.46 4.09 8.28
CA LEU A 79 -9.08 3.60 8.33
C LEU A 79 -8.15 4.53 9.06
N GLN A 80 -7.88 4.18 10.32
CA GLN A 80 -7.07 5.03 11.20
C GLN A 80 -5.98 4.22 11.86
N HIS A 81 -4.77 4.35 11.30
CA HIS A 81 -3.62 3.58 11.79
C HIS A 81 -2.35 4.28 11.36
N GLN A 82 -1.31 4.13 12.17
CA GLN A 82 0.00 4.73 11.96
C GLN A 82 0.60 4.36 10.59
N HIS A 83 0.23 3.19 10.06
CA HIS A 83 0.81 2.70 8.79
C HIS A 83 -0.18 2.53 7.65
N ILE A 84 -1.28 3.31 7.71
CA ILE A 84 -2.27 3.41 6.66
C ILE A 84 -2.32 4.89 6.30
N VAL A 85 -2.28 5.23 4.99
CA VAL A 85 -2.34 6.64 4.57
C VAL A 85 -3.52 7.35 5.26
N ARG A 86 -3.24 8.54 5.79
CA ARG A 86 -4.25 9.27 6.56
C ARG A 86 -5.18 10.08 5.66
N PHE A 87 -6.48 9.79 5.74
CA PHE A 87 -7.49 10.47 4.96
C PHE A 87 -8.06 11.61 5.79
N PHE A 88 -7.98 12.84 5.24
CA PHE A 88 -8.48 14.04 5.91
C PHE A 88 -9.91 14.43 5.61
N GLY A 89 -10.44 13.98 4.47
CA GLY A 89 -11.82 14.31 4.12
C GLY A 89 -11.99 14.66 2.66
N VAL A 90 -13.12 15.27 2.36
CA VAL A 90 -13.47 15.60 0.97
C VAL A 90 -13.83 17.05 0.82
N CYS A 91 -13.80 17.50 -0.44
CA CYS A 91 -14.36 18.78 -0.80
C CYS A 91 -15.37 18.46 -1.88
N THR A 92 -16.64 18.71 -1.60
CA THR A 92 -17.76 18.40 -2.47
C THR A 92 -18.40 19.72 -2.99
N GLU A 93 -17.85 20.89 -2.62
CA GLU A 93 -18.39 22.15 -3.12
C GLU A 93 -17.88 22.48 -4.51
N GLY A 94 -18.76 22.26 -5.50
CA GLY A 94 -18.45 22.48 -6.90
C GLY A 94 -17.72 21.31 -7.53
N ARG A 95 -17.06 21.56 -8.67
CA ARG A 95 -16.33 20.54 -9.42
C ARG A 95 -14.89 20.94 -9.73
N PRO A 96 -13.92 20.00 -9.72
CA PRO A 96 -14.06 18.55 -9.44
C PRO A 96 -14.19 18.25 -7.94
N LEU A 97 -14.64 17.04 -7.63
CA LEU A 97 -14.75 16.54 -6.25
C LEU A 97 -13.33 16.21 -5.82
N LEU A 98 -12.98 16.52 -4.57
CA LEU A 98 -11.62 16.29 -4.09
C LEU A 98 -11.58 15.40 -2.87
N MET A 99 -10.57 14.54 -2.81
CA MET A 99 -10.25 13.74 -1.62
C MET A 99 -8.91 14.25 -1.13
N VAL A 100 -8.76 14.40 0.19
CA VAL A 100 -7.55 14.99 0.77
C VAL A 100 -6.87 14.00 1.70
N PHE A 101 -5.55 13.79 1.50
CA PHE A 101 -4.73 12.86 2.29
C PHE A 101 -3.55 13.59 2.89
N GLU A 102 -2.98 13.03 3.97
CA GLU A 102 -1.74 13.57 4.55
C GLU A 102 -0.62 13.40 3.51
N TYR A 103 0.16 14.45 3.26
CA TYR A 103 1.25 14.39 2.27
C TYR A 103 2.44 13.58 2.79
N MET A 104 2.96 12.68 1.93
CA MET A 104 4.11 11.84 2.29
C MET A 104 5.24 12.25 1.40
N ARG A 105 6.17 13.04 1.98
CA ARG A 105 7.19 13.78 1.21
C ARG A 105 8.14 12.99 0.31
N HIS A 106 8.37 11.71 0.65
CA HIS A 106 9.34 10.92 -0.14
C HIS A 106 8.67 10.08 -1.23
N GLY A 107 7.36 10.24 -1.40
CA GLY A 107 6.59 9.60 -2.46
C GLY A 107 6.42 8.10 -2.36
N ASP A 108 6.17 7.45 -3.51
CA ASP A 108 5.88 6.01 -3.44
C ASP A 108 7.10 5.15 -3.12
N LEU A 109 6.86 4.04 -2.39
CA LEU A 109 7.90 3.17 -1.92
C LEU A 109 8.62 2.46 -3.06
N ASN A 110 7.92 2.19 -4.18
CA ASN A 110 8.66 1.51 -5.27
C ASN A 110 9.78 2.42 -5.82
N ARG A 111 9.45 3.68 -6.09
CA ARG A 111 10.42 4.64 -6.59
C ARG A 111 11.53 4.90 -5.57
N PHE A 112 11.14 4.92 -4.26
CA PHE A 112 12.08 5.11 -3.17
C PHE A 112 13.12 3.95 -3.11
N LEU A 113 12.62 2.70 -3.24
CA LEU A 113 13.52 1.55 -3.22
C LEU A 113 14.48 1.62 -4.40
N ARG A 114 13.95 1.90 -5.61
CA ARG A 114 14.78 1.94 -6.83
C ARG A 114 15.85 3.03 -6.78
N SER A 115 15.54 4.14 -6.12
CA SER A 115 16.46 5.29 -6.00
C SER A 115 17.46 5.18 -4.86
N HIS A 116 17.23 4.24 -3.90
CA HIS A 116 18.12 3.99 -2.75
C HIS A 116 18.68 2.57 -2.80
N GLY A 117 18.94 2.09 -4.02
CA GLY A 117 19.49 0.76 -4.26
C GLY A 117 21.00 0.70 -4.25
N PRO A 118 21.61 -0.50 -4.47
CA PRO A 118 23.07 -0.63 -4.42
C PRO A 118 23.82 0.20 -5.48
N VAL A 129 16.08 13.15 3.47
CA VAL A 129 16.46 11.73 3.41
C VAL A 129 17.97 11.57 3.13
N ALA A 130 18.61 10.61 3.83
CA ALA A 130 20.03 10.31 3.66
C ALA A 130 20.19 9.44 2.40
N PRO A 131 20.90 9.92 1.34
CA PRO A 131 21.04 9.12 0.13
C PRO A 131 22.08 8.00 0.27
N GLY A 132 21.98 7.01 -0.61
CA GLY A 132 22.84 5.84 -0.63
C GLY A 132 22.04 4.55 -0.61
N PRO A 133 22.68 3.35 -0.62
CA PRO A 133 21.91 2.10 -0.59
C PRO A 133 21.34 1.80 0.79
N LEU A 134 20.05 1.43 0.86
CA LEU A 134 19.40 1.09 2.13
C LEU A 134 20.07 -0.14 2.71
N GLY A 135 20.34 -0.10 4.00
CA GLY A 135 20.94 -1.22 4.70
C GLY A 135 19.90 -2.24 5.09
N LEU A 136 20.36 -3.43 5.57
CA LEU A 136 19.45 -4.50 6.00
C LEU A 136 18.46 -4.00 7.07
N GLY A 137 18.97 -3.28 8.08
CA GLY A 137 18.12 -2.74 9.15
C GLY A 137 16.99 -1.87 8.60
N GLN A 138 17.32 -1.01 7.64
CA GLN A 138 16.32 -0.12 7.01
C GLN A 138 15.30 -0.91 6.18
N LEU A 139 15.76 -1.92 5.42
CA LEU A 139 14.83 -2.74 4.63
C LEU A 139 13.86 -3.48 5.58
N LEU A 140 14.39 -4.00 6.70
CA LEU A 140 13.54 -4.69 7.68
C LEU A 140 12.54 -3.71 8.32
N ALA A 141 12.96 -2.45 8.59
CA ALA A 141 12.09 -1.43 9.17
C ALA A 141 10.95 -1.11 8.20
N VAL A 142 11.25 -1.02 6.88
CA VAL A 142 10.22 -0.79 5.88
C VAL A 142 9.23 -1.95 5.87
N ALA A 143 9.74 -3.18 5.83
CA ALA A 143 8.91 -4.39 5.79
C ALA A 143 8.01 -4.52 7.03
N SER A 144 8.56 -4.22 8.21
CA SER A 144 7.82 -4.29 9.46
C SER A 144 6.65 -3.31 9.45
N GLN A 145 6.90 -2.10 8.94
CA GLN A 145 5.83 -1.09 8.89
C GLN A 145 4.69 -1.49 7.95
N VAL A 146 5.02 -2.04 6.77
CA VAL A 146 3.96 -2.46 5.85
C VAL A 146 3.20 -3.63 6.53
N ALA A 147 3.94 -4.54 7.18
CA ALA A 147 3.26 -5.65 7.85
C ALA A 147 2.31 -5.12 8.94
N ALA A 148 2.74 -4.07 9.69
CA ALA A 148 1.89 -3.51 10.75
C ALA A 148 0.58 -2.99 10.17
N GLY A 149 0.67 -2.32 9.01
CA GLY A 149 -0.54 -1.82 8.35
C GLY A 149 -1.46 -2.96 7.94
N MET A 150 -0.86 -4.06 7.43
N MET A 150 -0.86 -4.05 7.46
CA MET A 150 -1.65 -5.21 7.02
CA MET A 150 -1.63 -5.21 7.06
C MET A 150 -2.28 -5.95 8.21
C MET A 150 -2.29 -5.92 8.22
N VAL A 151 -1.65 -5.92 9.41
CA VAL A 151 -2.25 -6.52 10.61
C VAL A 151 -3.53 -5.71 10.93
N TYR A 152 -3.42 -4.37 10.84
CA TYR A 152 -4.56 -3.51 11.10
C TYR A 152 -5.72 -3.81 10.13
N LEU A 153 -5.42 -3.88 8.81
CA LEU A 153 -6.47 -4.18 7.82
C LEU A 153 -7.12 -5.52 8.05
N ALA A 154 -6.32 -6.56 8.38
CA ALA A 154 -6.88 -7.87 8.65
C ALA A 154 -7.83 -7.86 9.85
N GLY A 155 -7.49 -7.05 10.86
CA GLY A 155 -8.31 -6.89 12.07
C GLY A 155 -9.67 -6.27 11.78
N LEU A 156 -9.74 -5.45 10.72
CA LEU A 156 -10.96 -4.78 10.30
C LEU A 156 -11.72 -5.61 9.30
N HIS A 157 -11.15 -6.75 8.84
CA HIS A 157 -11.72 -7.59 7.78
C HIS A 157 -11.73 -6.77 6.47
N PHE A 158 -10.71 -5.89 6.30
CA PHE A 158 -10.53 -5.09 5.09
C PHE A 158 -9.54 -5.83 4.19
N VAL A 159 -9.97 -6.24 2.99
CA VAL A 159 -9.10 -6.95 2.02
C VAL A 159 -8.61 -5.89 1.03
N HIS A 160 -7.30 -5.69 0.96
CA HIS A 160 -6.72 -4.64 0.15
C HIS A 160 -6.83 -4.90 -1.37
N ARG A 161 -6.41 -6.12 -1.79
CA ARG A 161 -6.45 -6.64 -3.16
C ARG A 161 -5.34 -6.13 -4.08
N ASP A 162 -4.58 -5.08 -3.69
CA ASP A 162 -3.51 -4.64 -4.60
C ASP A 162 -2.30 -4.18 -3.80
N LEU A 163 -1.92 -5.00 -2.81
CA LEU A 163 -0.74 -4.61 -2.05
C LEU A 163 0.51 -4.76 -2.92
N ALA A 164 1.29 -3.70 -3.00
CA ALA A 164 2.53 -3.64 -3.80
C ALA A 164 3.27 -2.41 -3.33
N THR A 165 4.62 -2.38 -3.54
CA THR A 165 5.35 -1.20 -3.04
C THR A 165 4.91 0.08 -3.76
N ARG A 166 4.42 -0.02 -5.01
CA ARG A 166 3.94 1.20 -5.72
C ARG A 166 2.74 1.83 -4.98
N ASN A 167 2.04 1.04 -4.13
CA ASN A 167 0.89 1.51 -3.36
C ASN A 167 1.24 1.88 -1.93
N CYS A 168 2.53 1.97 -1.61
CA CYS A 168 2.96 2.43 -0.27
C CYS A 168 3.65 3.76 -0.44
N LEU A 169 3.65 4.57 0.62
CA LEU A 169 4.27 5.90 0.61
C LEU A 169 5.30 6.00 1.69
N VAL A 170 6.29 6.86 1.48
CA VAL A 170 7.37 7.08 2.44
C VAL A 170 7.30 8.54 2.86
N GLY A 171 7.31 8.76 4.17
CA GLY A 171 7.28 10.10 4.72
C GLY A 171 8.49 10.44 5.55
N GLN A 172 8.43 11.59 6.24
CA GLN A 172 9.52 12.07 7.08
C GLN A 172 9.96 11.01 8.09
N GLY A 173 11.26 10.78 8.19
CA GLY A 173 11.84 9.79 9.08
C GLY A 173 11.64 8.35 8.63
N LEU A 174 11.38 8.17 7.32
CA LEU A 174 11.17 6.85 6.71
C LEU A 174 9.94 6.12 7.25
N VAL A 175 8.89 6.89 7.59
CA VAL A 175 7.63 6.32 8.04
C VAL A 175 7.00 5.81 6.74
N VAL A 176 6.50 4.57 6.74
CA VAL A 176 5.88 3.95 5.57
C VAL A 176 4.42 3.72 5.85
N LYS A 177 3.59 4.06 4.87
CA LYS A 177 2.14 3.89 5.00
C LYS A 177 1.56 3.25 3.74
N ILE A 178 0.52 2.45 3.92
CA ILE A 178 -0.16 1.78 2.80
C ILE A 178 -1.32 2.62 2.29
N GLY A 179 -1.45 2.63 0.98
CA GLY A 179 -2.59 3.25 0.29
C GLY A 179 -2.99 2.40 -0.89
N ASP A 180 -3.70 2.99 -1.84
CA ASP A 180 -4.05 2.31 -3.10
C ASP A 180 -4.28 3.42 -4.09
N PHE A 181 -3.33 3.59 -5.01
CA PHE A 181 -3.32 4.71 -5.97
C PHE A 181 -3.79 4.33 -7.38
N GLY A 182 -4.23 3.08 -7.54
CA GLY A 182 -4.77 2.56 -8.80
C GLY A 182 -3.71 1.97 -9.70
N LEU A 201 -5.10 -6.22 -14.04
CA LEU A 201 -4.99 -6.84 -12.72
C LEU A 201 -3.52 -6.95 -12.30
N PRO A 202 -3.19 -6.80 -10.99
CA PRO A 202 -1.77 -6.89 -10.56
C PRO A 202 -1.35 -8.35 -10.42
N ILE A 203 -1.45 -9.08 -11.54
CA ILE A 203 -1.22 -10.52 -11.57
C ILE A 203 0.05 -10.98 -10.90
N ARG A 204 1.15 -10.24 -11.09
CA ARG A 204 2.45 -10.69 -10.54
C ARG A 204 2.48 -10.79 -9.02
N TRP A 205 1.56 -10.08 -8.34
CA TRP A 205 1.48 -10.08 -6.88
C TRP A 205 0.43 -11.03 -6.35
N MET A 206 -0.33 -11.66 -7.25
CA MET A 206 -1.48 -12.47 -6.83
C MET A 206 -1.17 -13.95 -6.67
N PRO A 207 -1.89 -14.60 -5.73
CA PRO A 207 -1.77 -16.06 -5.61
C PRO A 207 -2.64 -16.74 -6.67
N PRO A 208 -2.47 -18.06 -6.85
CA PRO A 208 -3.24 -18.76 -7.88
C PRO A 208 -4.75 -18.62 -7.74
N GLU A 209 -5.30 -18.64 -6.49
CA GLU A 209 -6.76 -18.57 -6.35
C GLU A 209 -7.33 -17.22 -6.77
N SER A 210 -6.53 -16.14 -6.64
CA SER A 210 -6.98 -14.81 -7.05
C SER A 210 -6.92 -14.72 -8.57
N ILE A 211 -5.84 -15.27 -9.18
CA ILE A 211 -5.73 -15.24 -10.64
C ILE A 211 -6.84 -16.07 -11.29
N LEU A 212 -7.06 -17.28 -10.77
CA LEU A 212 -7.98 -18.21 -11.41
C LEU A 212 -9.42 -18.00 -11.06
N TYR A 213 -9.71 -17.67 -9.79
CA TYR A 213 -11.08 -17.63 -9.29
C TYR A 213 -11.51 -16.29 -8.73
N ARG A 214 -10.65 -15.26 -8.81
CA ARG A 214 -10.92 -13.92 -8.31
C ARG A 214 -11.31 -13.98 -6.80
N LYS A 215 -10.66 -14.90 -6.06
CA LYS A 215 -10.91 -15.05 -4.63
C LYS A 215 -9.91 -14.16 -3.94
N PHE A 216 -10.40 -13.05 -3.35
CA PHE A 216 -9.56 -12.08 -2.63
C PHE A 216 -9.93 -12.12 -1.16
N THR A 217 -8.94 -12.46 -0.32
CA THR A 217 -9.17 -12.68 1.10
C THR A 217 -8.00 -12.16 1.89
N THR A 218 -8.09 -12.30 3.23
CA THR A 218 -6.95 -11.97 4.09
C THR A 218 -5.72 -12.82 3.63
N GLU A 219 -5.96 -14.07 3.23
CA GLU A 219 -4.89 -14.98 2.82
C GLU A 219 -4.28 -14.60 1.47
N SER A 220 -5.06 -14.01 0.53
CA SER A 220 -4.40 -13.56 -0.71
C SER A 220 -3.62 -12.28 -0.42
N ASP A 221 -4.08 -11.47 0.57
CA ASP A 221 -3.31 -10.30 0.94
C ASP A 221 -1.96 -10.74 1.56
N VAL A 222 -1.95 -11.82 2.36
CA VAL A 222 -0.66 -12.23 2.95
C VAL A 222 0.31 -12.74 1.88
N TRP A 223 -0.22 -13.38 0.83
CA TRP A 223 0.63 -13.81 -0.28
C TRP A 223 1.23 -12.53 -0.93
N SER A 224 0.38 -11.49 -1.22
CA SER A 224 0.91 -10.26 -1.83
C SER A 224 1.94 -9.62 -0.90
N PHE A 225 1.72 -9.70 0.43
CA PHE A 225 2.74 -9.17 1.36
C PHE A 225 4.09 -9.89 1.14
N GLY A 226 4.06 -11.22 0.97
CA GLY A 226 5.32 -11.94 0.70
C GLY A 226 5.98 -11.40 -0.56
N VAL A 227 5.18 -11.09 -1.62
CA VAL A 227 5.74 -10.50 -2.84
C VAL A 227 6.28 -9.11 -2.54
N VAL A 228 5.59 -8.31 -1.68
CA VAL A 228 6.12 -6.99 -1.30
C VAL A 228 7.49 -7.16 -0.60
N LEU A 229 7.63 -8.18 0.28
CA LEU A 229 8.90 -8.45 0.95
C LEU A 229 9.97 -8.73 -0.11
N TRP A 230 9.62 -9.49 -1.16
CA TRP A 230 10.53 -9.77 -2.27
C TRP A 230 10.89 -8.48 -2.98
N GLU A 231 9.91 -7.59 -3.26
CA GLU A 231 10.23 -6.30 -3.88
C GLU A 231 11.19 -5.49 -2.99
N ILE A 232 10.94 -5.45 -1.67
CA ILE A 232 11.79 -4.66 -0.78
C ILE A 232 13.24 -5.17 -0.85
N PHE A 233 13.41 -6.50 -0.84
CA PHE A 233 14.74 -7.11 -0.83
C PHE A 233 15.40 -7.18 -2.19
N THR A 234 14.69 -6.76 -3.25
CA THR A 234 15.30 -6.65 -4.58
C THR A 234 15.37 -5.17 -4.98
N TYR A 235 15.13 -4.26 -4.01
CA TYR A 235 15.15 -2.81 -4.23
C TYR A 235 14.16 -2.37 -5.34
N GLY A 236 12.97 -2.97 -5.33
CA GLY A 236 11.87 -2.55 -6.19
C GLY A 236 11.77 -3.17 -7.57
N LYS A 237 12.54 -4.23 -7.83
CA LYS A 237 12.41 -4.93 -9.11
C LYS A 237 11.00 -5.53 -9.26
N GLN A 238 10.51 -5.66 -10.50
CA GLN A 238 9.19 -6.24 -10.70
C GLN A 238 9.20 -7.75 -10.42
N PRO A 239 8.21 -8.33 -9.72
CA PRO A 239 8.22 -9.79 -9.53
C PRO A 239 8.11 -10.48 -10.88
N TRP A 240 8.85 -11.59 -11.04
CA TRP A 240 8.86 -12.36 -12.31
C TRP A 240 9.31 -11.49 -13.48
N TYR A 241 10.26 -10.55 -13.23
CA TYR A 241 10.73 -9.62 -14.27
C TYR A 241 11.29 -10.32 -15.51
N GLN A 242 11.74 -11.57 -15.35
CA GLN A 242 12.31 -12.36 -16.46
C GLN A 242 11.21 -12.90 -17.40
N LEU A 243 9.93 -12.77 -17.01
CA LEU A 243 8.79 -13.33 -17.75
C LEU A 243 7.82 -12.30 -18.29
N SER A 244 7.15 -12.62 -19.43
CA SER A 244 6.07 -11.81 -19.99
C SER A 244 4.86 -11.97 -19.07
N ASN A 245 3.82 -11.14 -19.25
CA ASN A 245 2.61 -11.22 -18.42
C ASN A 245 1.96 -12.61 -18.53
N THR A 246 1.95 -13.19 -19.72
CA THR A 246 1.37 -14.51 -19.96
C THR A 246 2.19 -15.59 -19.27
N GLU A 247 3.52 -15.54 -19.43
CA GLU A 247 4.41 -16.51 -18.79
C GLU A 247 4.28 -16.42 -17.27
N ALA A 248 4.13 -15.19 -16.73
CA ALA A 248 4.00 -15.04 -15.27
C ALA A 248 2.71 -15.66 -14.74
N ILE A 249 1.59 -15.48 -15.46
CA ILE A 249 0.30 -16.09 -15.08
C ILE A 249 0.47 -17.60 -15.03
N ASP A 250 1.09 -18.17 -16.09
CA ASP A 250 1.29 -19.61 -16.13
C ASP A 250 2.18 -20.11 -15.01
N CYS A 251 3.31 -19.41 -14.73
N CYS A 251 3.25 -19.39 -14.76
CA CYS A 251 4.25 -19.79 -13.66
CA CYS A 251 4.22 -19.68 -13.73
C CYS A 251 3.60 -19.74 -12.27
C CYS A 251 3.57 -19.74 -12.33
N ILE A 252 2.77 -18.72 -12.01
CA ILE A 252 2.07 -18.64 -10.71
C ILE A 252 1.03 -19.76 -10.61
N THR A 253 0.26 -19.98 -11.65
CA THR A 253 -0.77 -21.03 -11.63
C THR A 253 -0.13 -22.41 -11.43
N GLN A 254 1.06 -22.63 -12.02
CA GLN A 254 1.79 -23.90 -11.90
C GLN A 254 2.45 -24.10 -10.55
N GLY A 255 2.63 -23.01 -9.81
CA GLY A 255 3.21 -23.09 -8.47
C GLY A 255 4.69 -22.82 -8.34
N ARG A 256 5.34 -22.20 -9.33
CA ARG A 256 6.78 -21.88 -9.20
C ARG A 256 6.93 -20.70 -8.21
N GLU A 257 7.96 -20.75 -7.35
CA GLU A 257 8.19 -19.69 -6.38
C GLU A 257 9.24 -18.71 -6.81
N LEU A 258 9.07 -17.44 -6.41
CA LEU A 258 10.05 -16.42 -6.67
C LEU A 258 11.36 -16.81 -6.00
N GLU A 259 12.47 -16.51 -6.67
CA GLU A 259 13.79 -16.83 -6.14
C GLU A 259 14.17 -15.94 -4.98
N ARG A 260 15.02 -16.46 -4.09
CA ARG A 260 15.52 -15.69 -2.96
C ARG A 260 16.42 -14.53 -3.46
N PRO A 261 16.07 -13.26 -3.13
CA PRO A 261 16.93 -12.14 -3.53
C PRO A 261 18.32 -12.24 -2.91
N ARG A 262 19.30 -11.66 -3.61
CA ARG A 262 20.68 -11.64 -3.11
C ARG A 262 20.82 -10.95 -1.72
N ALA A 263 20.08 -9.85 -1.49
CA ALA A 263 20.11 -9.07 -0.24
C ALA A 263 19.29 -9.67 0.89
N CYS A 264 18.54 -10.75 0.58
CA CYS A 264 17.63 -11.38 1.52
C CYS A 264 18.30 -12.43 2.42
N PRO A 265 18.31 -12.21 3.76
CA PRO A 265 18.84 -13.26 4.66
C PRO A 265 17.92 -14.49 4.67
N PRO A 266 18.44 -15.67 5.09
CA PRO A 266 17.58 -16.87 5.14
C PRO A 266 16.32 -16.70 5.99
N GLU A 267 16.43 -15.96 7.10
CA GLU A 267 15.29 -15.73 8.01
C GLU A 267 14.16 -15.01 7.31
N VAL A 268 14.51 -14.08 6.40
CA VAL A 268 13.49 -13.31 5.67
C VAL A 268 12.90 -14.15 4.52
N TYR A 269 13.75 -14.95 3.85
CA TYR A 269 13.20 -15.81 2.81
C TYR A 269 12.19 -16.82 3.39
N ALA A 270 12.43 -17.29 4.64
CA ALA A 270 11.48 -18.22 5.29
C ALA A 270 10.12 -17.54 5.47
N ILE A 271 10.12 -16.22 5.76
CA ILE A 271 8.87 -15.47 5.89
C ILE A 271 8.15 -15.45 4.54
N MET A 272 8.88 -15.12 3.46
CA MET A 272 8.30 -15.11 2.11
C MET A 272 7.67 -16.47 1.80
N ARG A 273 8.41 -17.58 2.03
CA ARG A 273 7.89 -18.93 1.76
C ARG A 273 6.63 -19.23 2.58
N GLY A 274 6.55 -18.71 3.80
CA GLY A 274 5.37 -18.92 4.64
C GLY A 274 4.13 -18.22 4.06
N CYS A 275 4.36 -17.06 3.43
CA CYS A 275 3.27 -16.28 2.80
C CYS A 275 2.80 -16.95 1.51
N TRP A 276 3.68 -17.75 0.89
CA TRP A 276 3.46 -18.35 -0.43
C TRP A 276 3.04 -19.79 -0.45
N GLN A 277 2.50 -20.26 0.65
CA GLN A 277 2.00 -21.64 0.65
C GLN A 277 0.83 -21.71 -0.36
N ARG A 278 0.81 -22.75 -1.21
CA ARG A 278 -0.25 -22.85 -2.23
C ARG A 278 -1.64 -22.86 -1.61
N GLU A 279 -1.83 -23.64 -0.52
CA GLU A 279 -3.13 -23.70 0.15
C GLU A 279 -3.31 -22.44 1.03
N PRO A 280 -4.36 -21.62 0.76
CA PRO A 280 -4.55 -20.40 1.56
C PRO A 280 -4.56 -20.63 3.06
N GLN A 281 -5.19 -21.73 3.53
CA GLN A 281 -5.26 -21.97 4.98
C GLN A 281 -3.94 -22.39 5.63
N GLN A 282 -2.91 -22.66 4.82
CA GLN A 282 -1.58 -23.02 5.32
C GLN A 282 -0.68 -21.78 5.42
N ARG A 283 -1.08 -20.66 4.80
CA ARG A 283 -0.21 -19.47 4.84
C ARG A 283 -0.11 -18.93 6.25
N HIS A 284 1.06 -18.36 6.57
CA HIS A 284 1.26 -17.77 7.87
C HIS A 284 0.31 -16.59 8.07
N SER A 285 -0.06 -16.33 9.32
CA SER A 285 -0.92 -15.19 9.59
C SER A 285 -0.11 -13.91 9.55
N ILE A 286 -0.73 -12.83 9.10
CA ILE A 286 -0.03 -11.54 9.07
C ILE A 286 0.45 -11.11 10.47
N LYS A 287 -0.29 -11.48 11.55
CA LYS A 287 0.15 -11.12 12.91
C LYS A 287 1.53 -11.76 13.20
N ASP A 288 1.72 -13.01 12.78
CA ASP A 288 2.98 -13.72 13.02
C ASP A 288 4.09 -13.18 12.11
N VAL A 289 3.75 -12.86 10.86
CA VAL A 289 4.71 -12.30 9.91
C VAL A 289 5.21 -10.96 10.45
N HIS A 290 4.29 -10.12 10.90
CA HIS A 290 4.65 -8.82 11.47
C HIS A 290 5.54 -9.01 12.72
N ALA A 291 5.14 -9.92 13.66
CA ALA A 291 5.93 -10.14 14.88
C ALA A 291 7.35 -10.61 14.53
N ARG A 292 7.47 -11.49 13.51
CA ARG A 292 8.79 -11.99 13.09
C ARG A 292 9.63 -10.84 12.55
N LEU A 293 9.02 -9.99 11.70
CA LEU A 293 9.74 -8.84 11.10
C LEU A 293 10.15 -7.82 12.15
N GLN A 294 9.29 -7.58 13.18
CA GLN A 294 9.62 -6.68 14.30
C GLN A 294 10.87 -7.16 15.00
N ALA A 295 10.93 -8.48 15.31
CA ALA A 295 12.05 -9.12 15.98
C ALA A 295 13.32 -8.95 15.14
N LEU A 296 13.22 -9.18 13.82
CA LEU A 296 14.37 -9.05 12.94
C LEU A 296 14.79 -7.58 12.81
N ALA A 297 13.82 -6.64 12.74
CA ALA A 297 14.13 -5.21 12.58
C ALA A 297 14.84 -4.65 13.81
N GLN A 298 14.47 -5.15 15.01
CA GLN A 298 15.07 -4.69 16.27
C GLN A 298 16.44 -5.35 16.51
N ALA A 299 16.72 -6.50 15.84
CA ALA A 299 18.01 -7.20 15.87
C ALA A 299 18.99 -6.31 15.03
N PRO A 300 19.27 -6.42 13.69
CA PRO A 300 18.89 -7.36 12.62
C PRO A 300 19.83 -8.59 12.47
N PRO A 301 19.53 -9.63 11.64
CA PRO A 301 20.51 -10.74 11.50
C PRO A 301 21.82 -10.28 10.88
N VAL A 302 22.93 -10.93 11.25
CA VAL A 302 24.24 -10.60 10.69
C VAL A 302 24.30 -11.35 9.36
N TYR A 303 24.01 -10.62 8.27
CA TYR A 303 23.98 -11.15 6.92
C TYR A 303 24.64 -10.17 5.96
N LEU A 304 25.49 -10.70 5.09
CA LEU A 304 26.19 -9.95 4.05
C LEU A 304 26.25 -10.79 2.77
N ASP A 305 25.65 -10.27 1.69
CA ASP A 305 25.63 -10.90 0.37
C ASP A 305 27.04 -10.97 -0.23
C5 6K1 B . -0.55 9.51 -3.78
C6 6K1 B . -1.00 9.96 -2.50
C7 6K1 B . -2.26 9.52 -1.85
C10 6K1 B . -3.55 9.21 -4.03
C13 6K1 B . -5.40 7.66 -2.72
C15 6K1 B . -5.97 5.74 -1.32
C17 6K1 B . -7.15 4.88 -0.89
C20 6K1 B . -6.74 1.49 0.70
C21 6K1 B . -6.15 1.82 1.91
C24 6K1 B . -6.18 4.17 1.35
C26 6K1 B . 0.15 10.65 -1.93
C1 6K1 B . 2.17 8.45 -5.22
C2 6K1 B . 1.58 9.85 -5.23
C3 6K1 B . 0.88 10.24 -6.52
N4 6K1 B . 0.70 9.99 -4.02
O8 6K1 B . -2.29 9.50 -0.64
C9 6K1 B . -3.39 9.02 -2.63
N11 6K1 B . -4.65 8.78 -4.68
C12 6K1 B . -5.57 7.97 -4.08
N14 6K1 B . -6.35 6.77 -2.15
O16 6K1 B . -4.81 5.54 -0.96
C18 6K1 B . -6.79 3.83 0.14
C19 6K1 B . -7.10 2.53 -0.21
CL 6K1 B . -5.70 0.54 3.01
C23 6K1 B . -5.84 3.15 2.29
C25 6K1 B . -4.40 8.28 -2.01
C27 6K1 B . 0.43 11.27 -0.70
N28 6K1 B . -0.46 11.24 0.33
N29 6K1 B . 1.64 11.90 -0.55
C30 6K1 B . 2.54 11.93 -1.57
N31 6K1 B . 2.33 11.30 -2.74
C32 6K1 B . 1.17 10.68 -2.95
#